data_4QXZ
#
_entry.id   4QXZ
#
_cell.length_a   35.391
_cell.length_b   90.376
_cell.length_c   110.637
_cell.angle_alpha   90.00
_cell.angle_beta   90.00
_cell.angle_gamma   90.00
#
_symmetry.space_group_name_H-M   'P 21 21 21'
#
loop_
_entity.id
_entity.type
_entity.pdbx_description
1 polymer 'Uncharacterized protein'
2 water water
#
_entity_poly.entity_id   1
_entity_poly.type   'polypeptide(L)'
_entity_poly.pdbx_seq_one_letter_code
;MGSSHHHHHHSSGLVPRGSHMKTFKAVRFQIVNEHGRIIEYELEDGVIINKEESGTGWLLEIVISNEHYETFKEYQDNEQ
LLDIRVVITRPANDPALFESTVKSIKNFKTTMSIVFECHIYTLRQQYAESLLEQLIDDGLSGEELKKSFNRMMQSKPKLK
DEKLEE
;
_entity_poly.pdbx_strand_id   A,B
#
# COMPACT_ATOMS: atom_id res chain seq x y z
N SER A 19 -4.44 -0.59 13.28
CA SER A 19 -3.68 -1.05 12.13
C SER A 19 -2.20 -1.00 12.39
N HIS A 20 -1.53 -2.06 12.01
CA HIS A 20 -0.14 -2.12 12.18
C HIS A 20 0.68 -1.91 10.95
N MET A 21 0.11 -1.43 9.86
CA MET A 21 0.95 -1.26 8.68
C MET A 21 1.50 0.12 8.58
N LYS A 22 2.61 0.25 7.87
CA LYS A 22 3.20 1.53 7.63
C LYS A 22 3.12 1.93 6.18
N THR A 23 2.48 1.09 5.40
CA THR A 23 2.37 1.35 3.98
C THR A 23 0.92 1.06 3.57
N PHE A 24 0.34 1.95 2.77
CA PHE A 24 -1.08 1.85 2.39
C PHE A 24 -1.31 2.24 0.93
N LYS A 25 -2.33 1.62 0.34
CA LYS A 25 -2.73 1.97 -1.02
C LYS A 25 -3.77 3.09 -1.01
N ALA A 26 -3.47 4.15 -1.75
CA ALA A 26 -4.32 5.33 -1.80
C ALA A 26 -5.25 5.18 -2.99
N VAL A 27 -6.55 5.12 -2.73
CA VAL A 27 -7.54 4.94 -3.80
C VAL A 27 -8.43 6.15 -4.12
N ARG A 28 -8.38 7.21 -3.30
CA ARG A 28 -9.02 8.48 -3.64
C ARG A 28 -8.26 9.66 -3.09
N PHE A 29 -8.28 10.75 -3.85
CA PHE A 29 -7.54 11.93 -3.49
C PHE A 29 -8.39 13.14 -3.70
N GLN A 30 -8.47 14.01 -2.70
CA GLN A 30 -9.25 15.24 -2.82
C GLN A 30 -8.53 16.40 -2.19
N ILE A 31 -8.80 17.60 -2.70
CA ILE A 31 -8.29 18.85 -2.11
C ILE A 31 -9.48 19.73 -1.79
N VAL A 32 -9.47 20.27 -0.59
CA VAL A 32 -10.55 21.06 -0.08
C VAL A 32 -10.13 22.47 0.21
N ASN A 33 -10.91 23.42 -0.27
CA ASN A 33 -10.69 24.83 0.03
C ASN A 33 -11.45 25.37 1.22
N GLU A 34 -11.35 26.67 1.45
CA GLU A 34 -11.89 27.35 2.61
C GLU A 34 -13.36 27.19 2.74
N HIS A 35 -14.01 27.14 1.61
CA HIS A 35 -15.41 27.10 1.55
C HIS A 35 -15.93 25.75 1.55
N GLY A 36 -15.08 24.79 1.85
CA GLY A 36 -15.46 23.40 1.81
C GLY A 36 -15.82 22.79 0.48
N ARG A 37 -15.15 23.23 -0.55
CA ARG A 37 -15.37 22.75 -1.88
C ARG A 37 -14.29 21.80 -2.24
N ILE A 38 -14.70 20.64 -2.71
CA ILE A 38 -13.81 19.52 -3.00
C ILE A 38 -13.45 19.57 -4.45
N ILE A 39 -12.16 19.52 -4.75
CA ILE A 39 -11.73 19.03 -6.06
C ILE A 39 -11.16 17.62 -5.88
N GLU A 40 -11.75 16.65 -6.58
CA GLU A 40 -11.27 15.27 -6.57
C GLU A 40 -10.48 14.99 -7.83
N TYR A 41 -9.31 14.37 -7.68
CA TYR A 41 -8.52 13.98 -8.84
C TYR A 41 -8.54 12.47 -8.99
N GLU A 42 -8.81 12.02 -10.21
CA GLU A 42 -8.86 10.59 -10.52
C GLU A 42 -7.44 9.99 -10.54
N LEU A 43 -7.24 8.97 -9.70
CA LEU A 43 -5.96 8.36 -9.49
C LEU A 43 -5.66 7.29 -10.54
N GLU A 44 -4.49 7.40 -11.15
CA GLU A 44 -3.90 6.28 -11.89
C GLU A 44 -3.28 5.28 -10.92
N ASP A 45 -2.62 5.84 -9.89
CA ASP A 45 -1.97 5.06 -8.87
C ASP A 45 -1.86 5.86 -7.59
N GLY A 46 -1.60 5.18 -6.48
CA GLY A 46 -1.46 5.87 -5.21
C GLY A 46 -0.92 5.04 -4.06
N VAL A 47 0.14 5.55 -3.44
CA VAL A 47 0.65 4.97 -2.20
C VAL A 47 0.88 6.05 -1.14
N ILE A 48 0.64 5.71 0.13
CA ILE A 48 0.98 6.64 1.20
C ILE A 48 1.73 5.88 2.31
N ILE A 49 2.88 6.40 2.73
CA ILE A 49 3.71 5.72 3.73
C ILE A 49 3.80 6.51 5.04
N ASN A 50 3.61 5.81 6.14
CA ASN A 50 3.81 6.42 7.45
C ASN A 50 5.31 6.44 7.78
N LYS A 51 5.93 7.60 7.67
CA LYS A 51 7.33 7.73 8.02
C LYS A 51 7.64 8.14 9.44
N GLU A 52 7.30 7.33 10.41
CA GLU A 52 7.68 7.61 11.78
C GLU A 52 9.17 7.44 12.02
N GLU A 53 9.91 6.82 11.13
CA GLU A 53 11.29 6.51 11.44
C GLU A 53 12.04 7.75 11.74
N SER A 54 11.80 8.77 10.95
CA SER A 54 12.09 10.12 11.35
C SER A 54 10.75 10.65 11.69
N GLY A 55 10.68 11.78 12.36
CA GLY A 55 9.39 12.33 12.68
C GLY A 55 9.04 13.14 11.52
N THR A 56 8.89 12.47 10.43
CA THR A 56 8.81 13.13 9.16
C THR A 56 7.40 13.18 8.57
N GLY A 57 6.48 12.50 9.21
CA GLY A 57 5.08 12.54 8.88
C GLY A 57 4.71 11.39 7.96
N TRP A 58 4.08 11.72 6.83
CA TRP A 58 3.68 10.72 5.86
C TRP A 58 4.06 11.21 4.47
N LEU A 59 4.24 10.26 3.55
CA LEU A 59 4.62 10.59 2.18
C LEU A 59 3.58 10.01 1.25
N LEU A 60 2.97 10.86 0.44
CA LEU A 60 1.92 10.44 -0.50
C LEU A 60 2.50 10.58 -1.89
N GLU A 61 2.44 9.49 -2.66
CA GLU A 61 2.81 9.52 -4.08
C GLU A 61 1.61 9.11 -4.91
N ILE A 62 1.22 9.95 -5.86
CA ILE A 62 0.10 9.65 -6.74
C ILE A 62 0.49 9.88 -8.18
N VAL A 63 -0.23 9.20 -9.07
CA VAL A 63 -0.10 9.45 -10.50
C VAL A 63 -1.44 9.92 -11.03
N ILE A 64 -1.44 11.07 -11.69
CA ILE A 64 -2.66 11.64 -12.27
C ILE A 64 -2.37 12.20 -13.65
N SER A 65 -3.43 12.62 -14.33
CA SER A 65 -3.33 13.23 -15.65
C SER A 65 -2.50 14.52 -15.62
N ASN A 66 -1.80 14.77 -16.72
CA ASN A 66 -0.99 15.95 -16.99
C ASN A 66 -1.78 17.21 -16.98
N GLU A 67 -3.05 17.05 -17.27
CA GLU A 67 -4.01 18.14 -17.31
C GLU A 67 -3.81 19.13 -16.16
N HIS A 68 -3.41 18.61 -15.00
CA HIS A 68 -3.33 19.41 -13.77
C HIS A 68 -1.89 19.84 -13.43
N TYR A 69 -1.02 19.82 -14.44
CA TYR A 69 0.38 20.15 -14.21
C TYR A 69 0.56 21.58 -13.68
N GLU A 70 -0.21 22.55 -14.19
CA GLU A 70 0.01 23.95 -13.79
C GLU A 70 -0.45 24.20 -12.36
N THR A 71 -1.62 23.69 -12.02
CA THR A 71 -2.15 23.84 -10.67
C THR A 71 -1.07 23.39 -9.67
N PHE A 72 -0.55 22.18 -9.84
CA PHE A 72 0.37 21.61 -8.88
C PHE A 72 1.77 22.22 -8.91
N LYS A 73 2.16 22.71 -10.10
CA LYS A 73 3.41 23.45 -10.24
C LYS A 73 3.31 24.74 -9.45
N GLU A 74 2.18 25.43 -9.57
CA GLU A 74 1.96 26.64 -8.77
C GLU A 74 1.87 26.37 -7.27
N TYR A 75 1.32 25.21 -6.86
CA TYR A 75 1.29 24.84 -5.45
C TYR A 75 2.70 24.64 -4.91
N GLN A 76 3.54 24.02 -5.71
CA GLN A 76 4.92 23.77 -5.32
C GLN A 76 5.70 25.08 -5.21
N ASP A 77 5.52 25.95 -6.20
CA ASP A 77 6.25 27.23 -6.26
C ASP A 77 5.90 28.18 -5.10
N ASN A 78 4.65 28.16 -4.66
CA ASN A 78 4.21 29.02 -3.56
C ASN A 78 4.33 28.35 -2.21
N GLU A 79 4.80 27.10 -2.20
CA GLU A 79 4.76 26.24 -0.99
C GLU A 79 3.38 26.22 -0.31
N GLN A 80 2.34 26.22 -1.15
CA GLN A 80 0.95 26.19 -0.71
C GLN A 80 0.63 25.10 0.28
N LEU A 81 -0.01 25.47 1.38
CA LEU A 81 -0.50 24.50 2.37
C LEU A 81 -1.83 23.96 1.88
N LEU A 82 -1.90 22.65 1.70
CA LEU A 82 -3.06 22.00 1.08
C LEU A 82 -3.78 21.12 2.09
N ASP A 83 -5.09 21.28 2.17
CA ASP A 83 -5.94 20.48 3.05
C ASP A 83 -6.51 19.33 2.23
N ILE A 84 -6.00 18.14 2.47
CA ILE A 84 -6.31 17.00 1.61
C ILE A 84 -7.01 15.88 2.35
N ARG A 85 -7.75 15.10 1.56
CA ARG A 85 -8.46 13.92 2.03
C ARG A 85 -7.92 12.74 1.24
N VAL A 86 -7.54 11.69 1.95
CA VAL A 86 -7.00 10.48 1.33
C VAL A 86 -7.78 9.24 1.83
N VAL A 87 -8.37 8.51 0.89
CA VAL A 87 -9.13 7.30 1.21
C VAL A 87 -8.20 6.12 0.97
N ILE A 88 -8.22 5.21 1.92
CA ILE A 88 -7.24 4.15 1.99
C ILE A 88 -7.82 2.76 1.72
N THR A 89 -7.12 2.04 0.87
CA THR A 89 -7.40 0.62 0.56
C THR A 89 -8.67 0.40 -0.22
N ARG A 90 -9.79 0.83 0.32
CA ARG A 90 -11.04 0.67 -0.39
C ARG A 90 -11.83 1.96 -0.45
N PRO A 91 -12.42 2.27 -1.59
CA PRO A 91 -12.94 3.62 -1.76
C PRO A 91 -14.11 3.99 -0.90
N ALA A 92 -14.82 3.03 -0.33
CA ALA A 92 -15.95 3.36 0.56
C ALA A 92 -15.49 3.95 1.92
N ASN A 93 -14.24 3.66 2.29
CA ASN A 93 -13.70 4.05 3.58
C ASN A 93 -13.71 5.54 3.85
N ASP A 94 -13.67 5.87 5.14
CA ASP A 94 -13.61 7.25 5.62
C ASP A 94 -12.22 7.87 5.37
N PRO A 95 -12.20 9.06 4.73
CA PRO A 95 -10.96 9.74 4.43
C PRO A 95 -10.12 9.93 5.66
N ALA A 96 -8.81 9.85 5.52
CA ALA A 96 -7.92 10.42 6.51
C ALA A 96 -7.64 11.89 6.14
N LEU A 97 -7.31 12.69 7.14
CA LEU A 97 -7.19 14.13 6.96
C LEU A 97 -5.71 14.49 7.09
N PHE A 98 -5.17 15.19 6.08
CA PHE A 98 -3.79 15.67 6.15
C PHE A 98 -3.66 17.13 5.75
N GLU A 99 -2.60 17.74 6.26
CA GLU A 99 -2.17 19.04 5.81
C GLU A 99 -0.86 18.78 5.08
N SER A 100 -0.75 19.24 3.83
CA SER A 100 0.44 18.93 3.04
C SER A 100 0.92 20.01 2.09
N THR A 101 2.15 19.79 1.61
CA THR A 101 2.78 20.60 0.56
C THR A 101 3.35 19.70 -0.53
N VAL A 102 3.38 20.21 -1.76
CA VAL A 102 3.99 19.47 -2.87
C VAL A 102 5.51 19.50 -2.76
N LYS A 103 6.11 18.31 -2.75
CA LYS A 103 7.55 18.15 -2.57
C LYS A 103 8.28 17.98 -3.90
N SER A 104 7.70 17.21 -4.83
CA SER A 104 8.30 17.00 -6.15
C SER A 104 7.24 16.62 -7.18
N ILE A 105 7.51 16.99 -8.44
CA ILE A 105 6.62 16.68 -9.57
C ILE A 105 7.45 16.09 -10.70
N LYS A 106 6.92 15.04 -11.31
CA LYS A 106 7.48 14.48 -12.52
C LYS A 106 6.42 14.47 -13.60
N ASN A 107 6.66 15.18 -14.70
CA ASN A 107 5.71 15.18 -15.80
C ASN A 107 6.03 14.14 -16.85
N PHE A 108 5.04 13.43 -17.31
CA PHE A 108 5.24 12.39 -18.28
C PHE A 108 4.45 12.72 -19.54
N LYS A 109 4.27 11.78 -20.43
CA LYS A 109 3.50 12.08 -21.64
C LYS A 109 2.05 12.45 -21.43
N THR A 110 1.29 11.65 -20.70
CA THR A 110 -0.09 12.01 -20.38
C THR A 110 -0.37 12.13 -18.91
N THR A 111 0.61 11.85 -18.08
CA THR A 111 0.41 11.72 -16.68
C THR A 111 1.48 12.45 -15.97
N MET A 112 1.27 12.68 -14.70
CA MET A 112 2.27 13.23 -13.83
C MET A 112 2.33 12.47 -12.53
N SER A 113 3.48 12.44 -11.90
CA SER A 113 3.68 11.83 -10.60
C SER A 113 4.04 12.90 -9.55
N ILE A 114 3.27 12.93 -8.48
CA ILE A 114 3.43 13.96 -7.46
C ILE A 114 3.62 13.35 -6.10
N VAL A 115 4.69 13.75 -5.43
CA VAL A 115 4.97 13.39 -4.05
C VAL A 115 4.57 14.55 -3.15
N PHE A 116 3.82 14.28 -2.09
CA PHE A 116 3.46 15.31 -1.09
C PHE A 116 4.07 15.00 0.25
N GLU A 117 4.42 16.03 0.99
CA GLU A 117 4.82 15.90 2.40
C GLU A 117 3.59 16.12 3.29
N CYS A 118 3.19 15.11 4.04
CA CYS A 118 1.92 15.12 4.73
C CYS A 118 2.10 15.00 6.23
N HIS A 119 1.22 15.66 6.96
CA HIS A 119 1.12 15.54 8.41
C HIS A 119 -0.34 15.27 8.75
N ILE A 120 -0.59 14.17 9.44
CA ILE A 120 -1.97 13.75 9.68
C ILE A 120 -2.64 14.61 10.74
N TYR A 121 -3.96 14.68 10.71
CA TYR A 121 -4.69 15.33 11.82
C TYR A 121 -6.08 14.73 12.05
N THR A 122 -6.62 14.99 13.24
CA THR A 122 -7.94 14.50 13.62
C THR A 122 -8.84 15.67 13.69
N LEU A 123 -10.09 15.45 13.31
CA LEU A 123 -11.06 16.51 13.36
C LEU A 123 -11.24 16.91 14.80
N ARG A 124 -11.21 18.21 15.04
CA ARG A 124 -11.43 18.72 16.38
C ARG A 124 -12.80 18.35 16.93
N GLN A 125 -12.90 18.34 18.26
CA GLN A 125 -14.19 18.31 18.94
C GLN A 125 -14.98 19.57 18.60
N GLN A 126 -16.29 19.54 18.74
CA GLN A 126 -17.11 20.73 18.56
C GLN A 126 -16.94 21.36 17.16
N TYR A 127 -16.55 20.57 16.16
CA TYR A 127 -16.42 21.09 14.80
C TYR A 127 -17.70 21.78 14.32
N ALA A 128 -18.83 21.12 14.53
CA ALA A 128 -20.12 21.63 14.04
C ALA A 128 -20.40 23.02 14.64
N GLU A 129 -20.07 23.19 15.93
CA GLU A 129 -20.35 24.42 16.66
C GLU A 129 -19.43 25.56 16.21
N SER A 130 -18.15 25.24 16.07
CA SER A 130 -17.18 26.18 15.57
C SER A 130 -17.44 26.57 14.13
N LEU A 131 -17.83 25.59 13.32
CA LEU A 131 -18.17 25.85 11.93
C LEU A 131 -19.36 26.79 11.81
N LEU A 132 -20.40 26.55 12.62
CA LEU A 132 -21.52 27.47 12.65
C LEU A 132 -21.10 28.87 13.14
N GLU A 133 -20.27 28.92 14.16
CA GLU A 133 -19.82 30.20 14.69
C GLU A 133 -19.08 31.01 13.63
N GLN A 134 -18.20 30.36 12.88
CA GLN A 134 -17.53 31.01 11.76
C GLN A 134 -18.49 31.56 10.69
N LEU A 135 -19.44 30.73 10.24
CA LEU A 135 -20.35 31.12 9.14
C LEU A 135 -21.24 32.30 9.52
N ILE A 136 -21.68 32.32 10.78
CA ILE A 136 -22.51 33.41 11.27
C ILE A 136 -21.70 34.70 11.40
N ASP A 137 -20.47 34.60 11.92
CA ASP A 137 -19.56 35.74 11.99
C ASP A 137 -19.20 36.29 10.62
N ASP A 138 -19.37 35.49 9.57
CA ASP A 138 -19.17 35.93 8.20
C ASP A 138 -20.48 36.50 7.64
N GLY A 139 -21.54 36.51 8.46
CA GLY A 139 -22.82 37.12 8.07
C GLY A 139 -23.80 36.29 7.23
N LEU A 140 -23.63 34.97 7.21
CA LEU A 140 -24.51 34.12 6.40
C LEU A 140 -25.81 33.85 7.14
N SER A 141 -26.89 33.67 6.39
CA SER A 141 -28.20 33.43 6.99
C SER A 141 -29.09 32.56 6.11
N GLY A 142 -30.16 32.05 6.70
CA GLY A 142 -31.18 31.31 5.98
C GLY A 142 -30.60 30.23 5.12
N GLU A 143 -31.02 30.21 3.86
CA GLU A 143 -30.70 29.15 2.92
C GLU A 143 -29.23 29.07 2.51
N GLU A 144 -28.53 30.21 2.45
CA GLU A 144 -27.08 30.20 2.17
C GLU A 144 -26.35 29.54 3.30
N LEU A 145 -26.84 29.80 4.52
CA LEU A 145 -26.25 29.22 5.74
C LEU A 145 -26.43 27.68 5.79
N LYS A 146 -27.65 27.18 5.59
CA LYS A 146 -27.88 25.74 5.46
C LYS A 146 -27.05 25.11 4.35
N LYS A 147 -26.88 25.87 3.25
CA LYS A 147 -26.17 25.37 2.08
C LYS A 147 -24.71 25.16 2.41
N SER A 148 -24.08 26.21 2.94
CA SER A 148 -22.68 26.15 3.31
C SER A 148 -22.44 25.16 4.45
N PHE A 149 -23.29 25.19 5.46
CA PHE A 149 -23.08 24.32 6.61
C PHE A 149 -23.07 22.86 6.22
N ASN A 150 -23.99 22.47 5.38
CA ASN A 150 -24.07 21.12 4.96
C ASN A 150 -22.90 20.66 4.12
N ARG A 151 -22.45 21.49 3.22
CA ARG A 151 -21.30 21.17 2.42
C ARG A 151 -20.05 21.11 3.24
N MET A 152 -19.87 22.07 4.09
CA MET A 152 -18.74 22.11 4.95
C MET A 152 -18.80 20.98 5.96
N MET A 153 -19.96 20.57 6.41
CA MET A 153 -19.94 19.45 7.34
C MET A 153 -19.39 18.18 6.74
N GLN A 154 -19.64 17.90 5.48
CA GLN A 154 -18.98 16.80 4.84
C GLN A 154 -17.51 16.92 4.49
N SER A 155 -17.12 18.02 3.88
CA SER A 155 -15.76 18.26 3.45
C SER A 155 -14.76 18.59 4.52
N LYS A 156 -15.27 19.16 5.57
CA LYS A 156 -14.53 19.60 6.75
C LYS A 156 -13.36 20.52 6.58
N PRO A 157 -13.50 21.64 5.90
CA PRO A 157 -12.33 22.51 5.73
C PRO A 157 -11.70 22.91 7.07
N LYS A 158 -10.39 23.18 7.06
CA LYS A 158 -9.74 23.85 8.19
C LYS A 158 -10.45 25.14 8.46
N LEU A 159 -10.66 25.42 9.73
CA LEU A 159 -11.40 26.58 10.15
C LEU A 159 -10.50 27.81 10.21
N LYS A 160 -11.12 28.97 10.01
CA LYS A 160 -10.43 30.27 9.97
C LYS A 160 -9.56 30.50 11.21
N ASP A 161 -9.97 29.97 12.36
CA ASP A 161 -9.18 30.14 13.58
C ASP A 161 -7.87 29.33 13.59
N GLU A 162 -7.58 28.61 12.51
CA GLU A 162 -6.33 27.88 12.40
C GLU A 162 -5.38 28.46 11.36
N LYS A 163 -5.81 29.48 10.60
CA LYS A 163 -4.94 30.10 9.56
C LYS A 163 -4.08 31.23 10.16
N LEU A 164 -3.34 31.95 9.30
CA LEU A 164 -2.58 33.15 9.73
C LEU A 164 -2.98 34.40 8.93
N HIS B 20 1.03 1.65 -15.53
CA HIS B 20 0.26 2.72 -14.82
C HIS B 20 0.08 2.40 -13.33
N MET B 21 -0.66 1.33 -13.02
CA MET B 21 -0.86 0.88 -11.65
C MET B 21 0.42 0.19 -11.20
N LYS B 22 0.97 0.66 -10.10
CA LYS B 22 2.25 0.19 -9.59
C LYS B 22 2.13 -0.36 -8.15
N THR B 23 1.08 0.05 -7.43
CA THR B 23 0.82 -0.33 -6.04
C THR B 23 -0.47 -1.14 -5.94
N PHE B 24 -0.40 -2.30 -5.29
CA PHE B 24 -1.57 -3.21 -5.26
C PHE B 24 -1.76 -3.77 -3.87
N LYS B 25 -2.99 -4.20 -3.62
CA LYS B 25 -3.32 -5.01 -2.45
C LYS B 25 -2.77 -6.43 -2.60
N ALA B 26 -2.27 -6.98 -1.49
CA ALA B 26 -1.83 -8.39 -1.43
C ALA B 26 -2.79 -9.15 -0.54
N VAL B 27 -3.51 -10.10 -1.14
CA VAL B 27 -4.58 -10.78 -0.43
C VAL B 27 -4.22 -12.18 0.07
N ARG B 28 -3.28 -12.88 -0.56
CA ARG B 28 -2.74 -14.13 0.03
C ARG B 28 -1.23 -14.16 0.02
N PHE B 29 -0.67 -14.81 1.04
CA PHE B 29 0.76 -14.94 1.18
C PHE B 29 1.14 -16.36 1.63
N GLN B 30 2.08 -16.96 0.90
CA GLN B 30 2.53 -18.33 1.17
C GLN B 30 4.03 -18.45 1.00
N ILE B 31 4.64 -19.29 1.84
CA ILE B 31 6.02 -19.71 1.68
C ILE B 31 6.02 -21.17 1.25
N VAL B 32 6.83 -21.48 0.28
CA VAL B 32 6.97 -22.82 -0.18
C VAL B 32 8.34 -23.32 0.18
N ASN B 33 8.45 -24.44 0.86
CA ASN B 33 9.74 -24.97 1.18
C ASN B 33 10.26 -25.93 0.12
N GLU B 34 11.49 -26.36 0.30
CA GLU B 34 12.14 -27.35 -0.55
C GLU B 34 11.27 -28.48 -1.03
N HIS B 35 10.43 -28.98 -0.17
CA HIS B 35 9.64 -30.14 -0.45
C HIS B 35 8.33 -29.91 -1.11
N GLY B 36 8.10 -28.74 -1.62
CA GLY B 36 6.82 -28.48 -2.22
C GLY B 36 5.71 -28.16 -1.26
N ARG B 37 6.05 -27.98 -0.02
CA ARG B 37 5.04 -27.74 0.98
C ARG B 37 4.71 -26.29 1.16
N ILE B 38 3.42 -26.02 1.19
CA ILE B 38 2.89 -24.66 1.28
C ILE B 38 2.61 -24.29 2.73
N ILE B 39 3.08 -23.13 3.15
CA ILE B 39 2.80 -22.62 4.47
C ILE B 39 2.08 -21.27 4.29
N GLU B 40 0.75 -21.31 4.43
CA GLU B 40 -0.06 -20.11 4.27
C GLU B 40 -0.21 -19.35 5.59
N TYR B 41 -0.05 -18.04 5.55
CA TYR B 41 -0.31 -17.19 6.72
C TYR B 41 -1.47 -16.25 6.46
N GLU B 42 -2.42 -16.21 7.38
CA GLU B 42 -3.62 -15.40 7.18
C GLU B 42 -3.25 -13.94 7.43
N LEU B 43 -3.68 -13.07 6.53
CA LEU B 43 -3.30 -11.67 6.56
C LEU B 43 -4.34 -10.81 7.26
N GLU B 44 -3.88 -9.94 8.15
CA GLU B 44 -4.57 -8.74 8.51
C GLU B 44 -4.59 -7.70 7.38
N ASP B 45 -3.46 -7.55 6.72
CA ASP B 45 -3.33 -6.61 5.64
C ASP B 45 -2.13 -6.92 4.78
N GLY B 46 -2.11 -6.41 3.57
CA GLY B 46 -0.95 -6.49 2.76
C GLY B 46 -0.95 -5.56 1.60
N VAL B 47 0.19 -5.08 1.25
CA VAL B 47 0.35 -4.25 0.07
C VAL B 47 1.64 -4.65 -0.58
N ILE B 48 1.65 -4.65 -1.91
CA ILE B 48 2.88 -4.91 -2.67
C ILE B 48 3.11 -3.81 -3.71
N ILE B 49 4.36 -3.39 -3.86
CA ILE B 49 4.69 -2.28 -4.74
C ILE B 49 5.72 -2.70 -5.76
N ASN B 50 5.41 -2.47 -7.02
CA ASN B 50 6.35 -2.75 -8.10
C ASN B 50 7.36 -1.61 -8.24
N LYS B 51 8.59 -1.89 -7.88
CA LYS B 51 9.64 -0.92 -7.88
C LYS B 51 10.76 -1.26 -8.84
N GLU B 52 10.42 -1.89 -9.94
CA GLU B 52 11.42 -2.35 -10.89
C GLU B 52 12.16 -1.21 -11.55
N GLU B 53 11.50 -0.09 -11.69
CA GLU B 53 12.06 1.02 -12.40
C GLU B 53 13.29 1.40 -11.67
N SER B 54 13.21 1.38 -10.37
CA SER B 54 14.37 1.57 -9.55
C SER B 54 15.40 0.48 -9.72
N GLY B 55 14.94 -0.76 -9.82
CA GLY B 55 15.84 -1.88 -9.76
C GLY B 55 15.87 -2.62 -8.43
N THR B 56 14.86 -2.40 -7.61
CA THR B 56 14.75 -3.10 -6.34
C THR B 56 13.70 -4.16 -6.40
N GLY B 57 13.23 -4.48 -7.59
CA GLY B 57 12.15 -5.45 -7.70
C GLY B 57 10.89 -5.04 -6.98
N TRP B 58 10.26 -5.91 -6.23
CA TRP B 58 8.99 -5.51 -5.62
C TRP B 58 9.10 -5.42 -4.10
N LEU B 59 8.25 -4.60 -3.51
CA LEU B 59 8.28 -4.38 -2.05
C LEU B 59 6.94 -4.75 -1.46
N LEU B 60 6.99 -5.64 -0.48
CA LEU B 60 5.80 -6.23 0.09
C LEU B 60 5.78 -6.01 1.58
N GLU B 61 4.67 -5.47 2.09
CA GLU B 61 4.44 -5.40 3.52
C GLU B 61 3.18 -6.18 3.89
N ILE B 62 3.28 -6.98 4.95
CA ILE B 62 2.15 -7.76 5.43
C ILE B 62 2.07 -7.65 6.94
N VAL B 63 0.89 -7.88 7.47
CA VAL B 63 0.69 -7.99 8.90
C VAL B 63 0.11 -9.37 9.12
N ILE B 64 0.74 -10.10 10.04
CA ILE B 64 0.32 -11.46 10.36
C ILE B 64 0.44 -11.66 11.85
N SER B 65 0.05 -12.82 12.33
CA SER B 65 0.23 -13.18 13.71
C SER B 65 1.68 -13.28 14.04
N ASN B 66 2.01 -12.97 15.27
CA ASN B 66 3.38 -12.95 15.69
C ASN B 66 3.79 -14.21 16.38
N GLU B 67 2.98 -15.24 16.25
CA GLU B 67 3.27 -16.47 16.88
C GLU B 67 4.60 -17.03 16.43
N HIS B 68 4.90 -16.92 15.16
CA HIS B 68 6.16 -17.45 14.66
C HIS B 68 7.19 -16.33 14.41
N TYR B 69 7.22 -15.37 15.34
CA TYR B 69 8.21 -14.31 15.32
C TYR B 69 9.62 -14.87 15.18
N GLU B 70 9.94 -15.92 15.95
CA GLU B 70 11.31 -16.44 15.98
C GLU B 70 11.72 -17.00 14.64
N THR B 71 10.76 -17.61 13.94
CA THR B 71 10.96 -18.14 12.60
C THR B 71 11.37 -17.06 11.62
N PHE B 72 10.76 -15.89 11.75
CA PHE B 72 11.00 -14.82 10.79
C PHE B 72 12.24 -14.03 11.16
N LYS B 73 12.52 -13.92 12.46
CA LYS B 73 13.76 -13.30 12.92
C LYS B 73 14.95 -14.09 12.38
N GLU B 74 14.80 -15.42 12.44
CA GLU B 74 15.82 -16.32 11.94
C GLU B 74 16.07 -16.09 10.44
N TYR B 75 15.00 -15.96 9.66
CA TYR B 75 15.13 -15.74 8.22
C TYR B 75 15.85 -14.43 7.92
N GLN B 76 15.63 -13.45 8.78
CA GLN B 76 16.14 -12.11 8.57
C GLN B 76 17.60 -12.08 8.91
N ASP B 77 17.93 -12.76 10.00
CA ASP B 77 19.32 -12.84 10.41
C ASP B 77 20.15 -13.63 9.42
N ASN B 78 19.67 -14.82 9.05
CA ASN B 78 20.35 -15.66 8.06
C ASN B 78 20.21 -15.15 6.64
N GLU B 79 19.51 -14.03 6.43
CA GLU B 79 19.17 -13.55 5.10
C GLU B 79 18.76 -14.72 4.24
N GLN B 80 17.79 -15.49 4.75
CA GLN B 80 17.34 -16.67 4.04
C GLN B 80 16.50 -16.31 2.83
N LEU B 81 16.76 -17.04 1.76
CA LEU B 81 16.15 -16.81 0.46
C LEU B 81 14.84 -17.56 0.42
N LEU B 82 13.73 -16.85 0.32
CA LEU B 82 12.43 -17.47 0.43
C LEU B 82 11.72 -17.45 -0.89
N ASP B 83 11.12 -18.59 -1.20
CA ASP B 83 10.32 -18.80 -2.37
C ASP B 83 8.86 -18.51 -1.92
N ILE B 84 8.30 -17.39 -2.34
CA ILE B 84 6.97 -17.01 -1.91
C ILE B 84 6.01 -16.88 -3.08
N ARG B 85 4.74 -17.02 -2.75
CA ARG B 85 3.59 -16.87 -3.64
C ARG B 85 2.72 -15.73 -3.10
N VAL B 86 2.41 -14.76 -3.92
CA VAL B 86 1.56 -13.65 -3.49
C VAL B 86 0.38 -13.51 -4.43
N VAL B 87 -0.85 -13.58 -3.91
CA VAL B 87 -2.01 -13.31 -4.73
C VAL B 87 -2.33 -11.83 -4.62
N ILE B 88 -2.46 -11.20 -5.78
CA ILE B 88 -2.54 -9.73 -5.88
C ILE B 88 -4.00 -9.32 -6.13
N THR B 89 -4.48 -8.29 -5.45
CA THR B 89 -5.77 -7.64 -5.78
C THR B 89 -7.04 -8.46 -5.54
N ARG B 90 -7.18 -9.59 -6.21
CA ARG B 90 -8.37 -10.41 -6.07
C ARG B 90 -7.93 -11.82 -5.78
N PRO B 91 -8.63 -12.57 -4.95
CA PRO B 91 -8.27 -13.97 -4.75
C PRO B 91 -8.46 -14.82 -5.97
N ALA B 92 -9.15 -14.25 -6.94
CA ALA B 92 -9.40 -14.87 -8.24
C ALA B 92 -8.14 -15.11 -9.05
N ASN B 93 -7.14 -14.28 -8.85
CA ASN B 93 -5.92 -14.46 -9.56
C ASN B 93 -5.10 -15.63 -9.04
N ASP B 94 -4.18 -16.11 -9.87
CA ASP B 94 -3.22 -17.12 -9.47
C ASP B 94 -2.04 -16.39 -8.90
N PRO B 95 -1.29 -17.02 -8.03
CA PRO B 95 -0.23 -16.30 -7.34
C PRO B 95 0.90 -15.91 -8.27
N ALA B 96 1.49 -14.75 -8.03
CA ALA B 96 2.75 -14.41 -8.66
C ALA B 96 3.87 -15.00 -7.84
N LEU B 97 4.93 -15.44 -8.52
CA LEU B 97 6.07 -16.11 -7.89
C LEU B 97 7.19 -15.13 -7.52
N PHE B 98 7.63 -15.13 -6.27
CA PHE B 98 8.77 -14.27 -5.90
C PHE B 98 9.85 -15.03 -5.16
N GLU B 99 11.08 -14.58 -5.34
CA GLU B 99 12.20 -14.97 -4.52
C GLU B 99 12.53 -13.77 -3.63
N SER B 100 12.47 -13.94 -2.32
CA SER B 100 12.54 -12.80 -1.45
C SER B 100 13.38 -12.99 -0.18
N THR B 101 13.66 -11.87 0.50
CA THR B 101 14.24 -11.88 1.85
C THR B 101 13.48 -10.93 2.74
N VAL B 102 13.59 -11.17 4.05
CA VAL B 102 12.98 -10.33 5.06
C VAL B 102 13.81 -9.08 5.32
N LYS B 103 13.25 -7.90 5.09
CA LYS B 103 13.99 -6.65 5.29
C LYS B 103 13.80 -6.08 6.66
N SER B 104 12.60 -6.22 7.20
CA SER B 104 12.32 -5.66 8.52
C SER B 104 11.15 -6.36 9.22
N ILE B 105 11.15 -6.24 10.53
CA ILE B 105 10.09 -6.76 11.36
C ILE B 105 9.75 -5.75 12.43
N LYS B 106 8.46 -5.50 12.61
CA LYS B 106 7.97 -4.69 13.67
C LYS B 106 6.99 -5.58 14.43
N ASN B 107 7.22 -5.76 15.73
CA ASN B 107 6.47 -6.72 16.53
C ASN B 107 5.51 -5.99 17.48
N PHE B 108 4.24 -6.41 17.49
CA PHE B 108 3.20 -5.77 18.29
C PHE B 108 2.68 -6.77 19.32
N LYS B 109 1.46 -6.59 19.79
CA LYS B 109 0.95 -7.40 20.89
C LYS B 109 0.77 -8.86 20.44
N THR B 110 -0.11 -9.09 19.46
CA THR B 110 -0.32 -10.43 18.91
C THR B 110 -0.22 -10.48 17.38
N THR B 111 0.32 -9.42 16.79
CA THR B 111 0.54 -9.32 15.36
C THR B 111 1.96 -8.85 15.16
N MET B 112 2.46 -9.00 13.93
CA MET B 112 3.70 -8.39 13.49
C MET B 112 3.59 -7.95 12.04
N SER B 113 4.40 -6.97 11.69
CA SER B 113 4.48 -6.44 10.34
C SER B 113 5.83 -6.80 9.76
N ILE B 114 5.82 -7.33 8.55
CA ILE B 114 7.04 -7.76 7.92
C ILE B 114 7.12 -7.13 6.53
N VAL B 115 8.30 -6.62 6.23
CA VAL B 115 8.60 -6.12 4.90
C VAL B 115 9.65 -7.03 4.24
N PHE B 116 9.36 -7.39 2.98
CA PHE B 116 10.17 -8.30 2.19
C PHE B 116 10.71 -7.54 0.97
N GLU B 117 11.97 -7.77 0.59
CA GLU B 117 12.41 -7.39 -0.75
C GLU B 117 12.17 -8.58 -1.66
N CYS B 118 11.50 -8.36 -2.80
CA CYS B 118 11.16 -9.43 -3.71
C CYS B 118 11.67 -9.23 -5.13
N HIS B 119 11.98 -10.32 -5.81
CA HIS B 119 12.22 -10.33 -7.26
C HIS B 119 11.36 -11.40 -7.91
N ILE B 120 10.45 -10.97 -8.78
CA ILE B 120 9.50 -11.86 -9.43
C ILE B 120 10.17 -12.80 -10.41
N TYR B 121 9.57 -13.96 -10.69
CA TYR B 121 10.09 -14.87 -11.69
C TYR B 121 9.02 -15.69 -12.38
N THR B 122 9.36 -16.16 -13.57
CA THR B 122 8.47 -16.97 -14.39
C THR B 122 8.93 -18.38 -14.21
N LEU B 123 7.99 -19.31 -14.33
CA LEU B 123 8.33 -20.72 -14.15
C LEU B 123 9.14 -21.24 -15.32
N ARG B 124 10.26 -21.88 -15.04
CA ARG B 124 11.04 -22.56 -16.08
C ARG B 124 10.19 -23.47 -17.01
N GLN B 125 10.70 -23.64 -18.23
CA GLN B 125 10.14 -24.58 -19.18
C GLN B 125 10.50 -26.00 -18.75
N GLN B 126 9.69 -26.99 -19.09
CA GLN B 126 9.95 -28.38 -18.69
C GLN B 126 10.10 -28.55 -17.17
N TYR B 127 9.31 -27.79 -16.42
CA TYR B 127 9.32 -27.91 -14.98
C TYR B 127 8.98 -29.35 -14.57
N ALA B 128 7.88 -29.87 -15.10
CA ALA B 128 7.41 -31.23 -14.78
C ALA B 128 8.51 -32.30 -14.95
N GLU B 129 9.17 -32.24 -16.09
CA GLU B 129 10.19 -33.22 -16.43
C GLU B 129 11.38 -33.14 -15.48
N SER B 130 11.76 -31.92 -15.09
CA SER B 130 12.86 -31.70 -14.15
C SER B 130 12.49 -32.09 -12.71
N LEU B 131 11.27 -31.78 -12.31
CA LEU B 131 10.77 -32.26 -11.02
C LEU B 131 10.86 -33.80 -10.93
N LEU B 132 10.30 -34.48 -11.92
CA LEU B 132 10.32 -35.93 -11.94
C LEU B 132 11.74 -36.45 -11.82
N GLU B 133 12.64 -35.86 -12.58
CA GLU B 133 14.06 -36.24 -12.59
C GLU B 133 14.65 -36.20 -11.17
N GLN B 134 14.36 -35.11 -10.46
CA GLN B 134 14.87 -34.90 -9.11
C GLN B 134 14.27 -35.91 -8.12
N LEU B 135 12.95 -36.13 -8.21
CA LEU B 135 12.30 -37.08 -7.29
C LEU B 135 12.82 -38.51 -7.50
N ILE B 136 13.03 -38.92 -8.75
CA ILE B 136 13.53 -40.25 -9.02
C ILE B 136 14.97 -40.34 -8.54
N ASP B 137 15.76 -39.31 -8.81
CA ASP B 137 17.16 -39.27 -8.34
C ASP B 137 17.29 -39.24 -6.81
N ASP B 138 16.28 -38.73 -6.12
CA ASP B 138 16.25 -38.77 -4.67
C ASP B 138 15.72 -40.10 -4.09
N GLY B 139 15.53 -41.11 -4.93
CA GLY B 139 15.13 -42.46 -4.47
C GLY B 139 13.63 -42.78 -4.45
N LEU B 140 12.79 -41.83 -4.86
CA LEU B 140 11.34 -42.02 -4.77
C LEU B 140 10.75 -42.93 -5.85
N SER B 141 9.69 -43.63 -5.47
CA SER B 141 8.98 -44.51 -6.39
C SER B 141 7.55 -44.72 -5.87
N GLY B 142 6.76 -45.44 -6.65
CA GLY B 142 5.43 -45.84 -6.23
C GLY B 142 4.58 -44.72 -5.74
N GLU B 143 3.73 -45.02 -4.77
CA GLU B 143 2.80 -44.04 -4.22
C GLU B 143 3.49 -42.79 -3.69
N GLU B 144 4.70 -42.94 -3.18
CA GLU B 144 5.45 -41.80 -2.65
C GLU B 144 5.78 -40.82 -3.75
N LEU B 145 6.11 -41.36 -4.92
CA LEU B 145 6.51 -40.54 -6.04
C LEU B 145 5.32 -39.71 -6.52
N LYS B 146 4.15 -40.34 -6.61
CA LYS B 146 2.93 -39.66 -7.09
C LYS B 146 2.50 -38.60 -6.13
N LYS B 147 2.40 -38.97 -4.86
CA LYS B 147 2.08 -38.01 -3.78
C LYS B 147 2.94 -36.72 -3.85
N SER B 148 4.26 -36.89 -3.84
CA SER B 148 5.22 -35.78 -3.89
C SER B 148 5.14 -34.98 -5.18
N PHE B 149 5.06 -35.69 -6.29
CA PHE B 149 4.94 -35.03 -7.59
C PHE B 149 3.67 -34.18 -7.67
N ASN B 150 2.55 -34.73 -7.22
CA ASN B 150 1.26 -34.02 -7.34
C ASN B 150 1.25 -32.75 -6.50
N ARG B 151 1.88 -32.81 -5.35
CA ARG B 151 2.01 -31.67 -4.49
C ARG B 151 2.98 -30.64 -4.97
N MET B 152 4.14 -31.07 -5.41
CA MET B 152 5.13 -30.20 -5.95
C MET B 152 4.68 -29.59 -7.26
N MET B 153 3.84 -30.25 -8.02
CA MET B 153 3.31 -29.61 -9.22
C MET B 153 2.34 -28.47 -8.85
N GLN B 154 1.74 -28.49 -7.67
CA GLN B 154 0.87 -27.38 -7.29
C GLN B 154 1.65 -26.19 -6.72
N SER B 155 2.50 -26.44 -5.73
CA SER B 155 3.29 -25.38 -5.10
C SER B 155 4.49 -24.89 -5.93
N LYS B 156 5.12 -25.78 -6.69
CA LYS B 156 6.14 -25.37 -7.68
C LYS B 156 7.47 -24.87 -7.09
N PRO B 157 8.05 -25.62 -6.15
CA PRO B 157 9.27 -25.17 -5.45
C PRO B 157 10.47 -25.04 -6.38
N LYS B 158 11.44 -24.21 -6.00
CA LYS B 158 12.73 -24.20 -6.71
C LYS B 158 13.34 -25.59 -6.61
N LEU B 159 13.96 -26.01 -7.68
CA LEU B 159 14.59 -27.28 -7.72
C LEU B 159 16.02 -27.23 -7.26
N LYS B 160 16.54 -28.39 -6.91
CA LYS B 160 17.87 -28.47 -6.37
C LYS B 160 18.94 -27.93 -7.29
N ASP B 161 18.74 -27.95 -8.58
CA ASP B 161 19.70 -27.37 -9.47
C ASP B 161 19.74 -25.86 -9.43
N GLU B 162 18.79 -25.26 -8.76
CA GLU B 162 18.94 -23.88 -8.28
C GLU B 162 19.54 -22.95 -9.26
#